data_7BFL
#
_entry.id   7BFL
#
_cell.length_a   110.070
_cell.length_b   93.070
_cell.length_c   66.780
_cell.angle_alpha   90.000
_cell.angle_beta   117.190
_cell.angle_gamma   90.000
#
_symmetry.space_group_name_H-M   'C 1 2 1'
#
loop_
_entity.id
_entity.type
_entity.pdbx_description
1 polymer Angiogenin-1
2 water water
#
_entity_poly.entity_id   1
_entity_poly.type   'polypeptide(L)'
_entity_poly.pdbx_seq_one_letter_code
;MDVNQQYNHFLKQHVDGEMTTLKCKSQMEILNLNRPDRKCKLKNTFILANPDQVQAICTGGGTLKGNNLVQSNKPFSVVI
CTHTGGESHPNCTYKGSSATKKVIIACDGKFPVHYDGITDGK
;
_entity_poly.pdbx_strand_id   A,B,C,D
#
# COMPACT_ATOMS: atom_id res chain seq x y z
N ASP A 2 -26.38 9.98 1.78
CA ASP A 2 -26.36 9.06 0.60
C ASP A 2 -25.44 9.65 -0.47
N VAL A 3 -25.12 10.94 -0.37
CA VAL A 3 -24.33 11.71 -1.38
C VAL A 3 -23.02 10.97 -1.68
N ASN A 4 -22.66 10.90 -2.96
CA ASN A 4 -21.31 10.47 -3.45
C ASN A 4 -20.61 11.69 -4.05
N GLN A 5 -19.49 12.12 -3.44
CA GLN A 5 -18.79 13.37 -3.83
C GLN A 5 -17.87 13.12 -5.01
N GLN A 6 -17.46 11.87 -5.26
CA GLN A 6 -16.64 11.49 -6.45
C GLN A 6 -17.49 11.64 -7.73
N TYR A 7 -18.76 11.23 -7.66
CA TYR A 7 -19.74 11.30 -8.78
C TYR A 7 -20.05 12.77 -9.10
N ASN A 8 -20.23 13.59 -8.06
CA ASN A 8 -20.47 15.05 -8.18
C ASN A 8 -19.30 15.68 -8.95
N HIS A 9 -18.07 15.44 -8.49
CA HIS A 9 -16.81 15.98 -9.08
C HIS A 9 -16.74 15.62 -10.57
N PHE A 10 -17.07 14.38 -10.93
CA PHE A 10 -17.09 13.87 -12.32
C PHE A 10 -18.12 14.66 -13.14
N LEU A 11 -19.31 14.86 -12.58
CA LEU A 11 -20.43 15.60 -13.22
C LEU A 11 -20.00 17.05 -13.50
N LYS A 12 -19.50 17.74 -12.47
CA LYS A 12 -19.19 19.19 -12.52
C LYS A 12 -18.05 19.45 -13.51
N GLN A 13 -17.24 18.43 -13.81
CA GLN A 13 -16.02 18.56 -14.65
C GLN A 13 -16.30 18.12 -16.09
N HIS A 14 -17.13 17.09 -16.30
CA HIS A 14 -17.18 16.34 -17.59
C HIS A 14 -18.62 16.16 -18.10
N VAL A 15 -19.62 16.75 -17.44
CA VAL A 15 -21.04 16.68 -17.90
C VAL A 15 -21.65 18.08 -17.89
N ASP A 16 -22.00 18.59 -19.07
CA ASP A 16 -22.68 19.90 -19.27
C ASP A 16 -23.38 19.87 -20.63
N GLY A 17 -24.70 19.67 -20.63
CA GLY A 17 -25.52 19.52 -21.84
C GLY A 17 -25.62 20.81 -22.65
N GLU A 18 -25.20 21.93 -22.07
CA GLU A 18 -25.27 23.28 -22.68
C GLU A 18 -23.90 23.72 -23.19
N MET A 19 -22.88 22.86 -23.10
CA MET A 19 -21.48 23.21 -23.47
C MET A 19 -21.39 23.35 -25.00
N THR A 20 -20.57 24.31 -25.47
CA THR A 20 -20.37 24.64 -26.90
C THR A 20 -18.91 25.04 -27.14
N THR A 21 -18.43 24.86 -28.38
CA THR A 21 -17.04 25.10 -28.84
C THR A 21 -16.56 26.50 -28.43
N LEU A 22 -17.48 27.47 -28.35
CA LEU A 22 -17.15 28.92 -28.22
C LEU A 22 -16.91 29.30 -26.76
N LYS A 23 -17.35 28.45 -25.81
CA LYS A 23 -17.36 28.77 -24.35
C LYS A 23 -16.15 28.16 -23.64
N CYS A 24 -15.10 27.79 -24.38
CA CYS A 24 -13.87 27.14 -23.84
C CYS A 24 -13.11 28.12 -22.93
N LYS A 25 -13.09 29.40 -23.29
CA LYS A 25 -12.42 30.48 -22.50
C LYS A 25 -12.94 30.46 -21.06
N SER A 26 -14.26 30.65 -20.90
CA SER A 26 -14.97 30.77 -19.59
C SER A 26 -14.88 29.45 -18.82
N GLN A 27 -15.28 28.35 -19.45
CA GLN A 27 -15.33 27.00 -18.83
C GLN A 27 -13.98 26.67 -18.20
N MET A 28 -12.90 26.75 -18.99
CA MET A 28 -11.52 26.40 -18.56
C MET A 28 -11.08 27.36 -17.44
N GLU A 29 -11.44 28.64 -17.54
CA GLU A 29 -11.07 29.69 -16.55
C GLU A 29 -11.51 29.25 -15.14
N ILE A 30 -12.62 28.52 -15.05
CA ILE A 30 -13.19 27.98 -13.77
C ILE A 30 -12.25 26.89 -13.24
N LEU A 31 -11.99 25.87 -14.06
CA LEU A 31 -11.17 24.67 -13.69
C LEU A 31 -9.74 25.10 -13.31
N ASN A 32 -9.24 26.18 -13.92
CA ASN A 32 -7.84 26.70 -13.73
C ASN A 32 -7.69 27.35 -12.35
N LEU A 33 -8.72 27.26 -11.51
CA LEU A 33 -8.72 27.81 -10.13
C LEU A 33 -8.69 26.66 -9.12
N ASN A 34 -9.61 25.69 -9.29
CA ASN A 34 -9.74 24.47 -8.44
C ASN A 34 -8.55 23.54 -8.71
N CYS A 40 -1.72 25.73 -16.08
CA CYS A 40 -2.94 25.70 -16.94
C CYS A 40 -3.19 24.27 -17.42
N LYS A 41 -4.46 23.82 -17.38
CA LYS A 41 -4.90 22.49 -17.87
C LYS A 41 -4.61 22.42 -19.37
N LEU A 42 -4.14 21.25 -19.84
CA LEU A 42 -3.79 21.02 -21.26
C LEU A 42 -5.06 20.75 -22.07
N LYS A 43 -6.00 19.99 -21.50
CA LYS A 43 -7.27 19.60 -22.15
C LYS A 43 -8.32 19.21 -21.12
N ASN A 44 -9.59 19.45 -21.43
CA ASN A 44 -10.77 18.93 -20.69
C ASN A 44 -11.88 18.63 -21.70
N THR A 45 -12.55 17.49 -21.56
CA THR A 45 -13.65 17.03 -22.45
C THR A 45 -14.97 17.09 -21.69
N PHE A 46 -15.99 17.72 -22.30
CA PHE A 46 -17.35 17.90 -21.73
C PHE A 46 -18.33 17.03 -22.52
N ILE A 47 -19.04 16.14 -21.84
CA ILE A 47 -20.09 15.26 -22.43
C ILE A 47 -21.41 16.02 -22.43
N LEU A 48 -22.01 16.22 -23.61
CA LEU A 48 -23.29 16.95 -23.79
C LEU A 48 -24.46 15.96 -23.59
N ALA A 49 -24.92 15.81 -22.35
CA ALA A 49 -25.97 14.83 -21.97
C ALA A 49 -26.49 15.12 -20.56
N ASN A 50 -27.63 14.53 -20.21
CA ASN A 50 -28.21 14.56 -18.85
C ASN A 50 -27.47 13.55 -17.98
N PRO A 51 -27.37 13.79 -16.66
CA PRO A 51 -26.59 12.92 -15.78
C PRO A 51 -27.00 11.45 -15.92
N ASP A 52 -28.30 11.18 -15.88
CA ASP A 52 -28.91 9.82 -15.90
C ASP A 52 -28.36 9.03 -17.10
N GLN A 53 -28.23 9.67 -18.26
CA GLN A 53 -27.80 9.02 -19.53
C GLN A 53 -26.34 8.55 -19.40
N VAL A 54 -25.50 9.32 -18.73
CA VAL A 54 -24.04 9.03 -18.54
C VAL A 54 -23.89 7.97 -17.44
N GLN A 55 -24.79 7.97 -16.46
CA GLN A 55 -24.79 7.02 -15.32
C GLN A 55 -25.17 5.63 -15.83
N ALA A 56 -25.97 5.58 -16.90
CA ALA A 56 -26.51 4.34 -17.51
C ALA A 56 -25.37 3.51 -18.08
N ILE A 57 -24.21 4.14 -18.32
CA ILE A 57 -22.98 3.48 -18.84
C ILE A 57 -22.49 2.46 -17.81
N CYS A 58 -22.85 2.64 -16.53
CA CYS A 58 -22.41 1.79 -15.39
C CYS A 58 -23.49 0.76 -15.02
N THR A 59 -24.69 0.86 -15.59
CA THR A 59 -25.88 0.06 -15.17
C THR A 59 -26.53 -0.67 -16.36
N GLY A 60 -25.75 -0.99 -17.40
CA GLY A 60 -26.21 -1.86 -18.51
C GLY A 60 -25.90 -1.31 -19.89
N GLY A 61 -25.73 0.01 -20.01
CA GLY A 61 -25.46 0.70 -21.29
C GLY A 61 -23.97 0.72 -21.64
N GLY A 62 -23.14 -0.03 -20.89
CA GLY A 62 -21.68 -0.04 -21.06
C GLY A 62 -21.14 -1.39 -21.51
N THR A 63 -19.82 -1.46 -21.72
CA THR A 63 -19.05 -2.68 -22.10
C THR A 63 -17.71 -2.68 -21.36
N LEU A 64 -17.55 -3.63 -20.43
CA LEU A 64 -16.34 -3.76 -19.58
C LEU A 64 -15.08 -3.74 -20.45
N LYS A 65 -14.03 -3.05 -19.98
CA LYS A 65 -12.74 -2.88 -20.68
C LYS A 65 -11.57 -3.26 -19.74
N GLY A 66 -11.84 -3.34 -18.43
CA GLY A 66 -10.88 -3.80 -17.41
C GLY A 66 -10.47 -2.69 -16.46
N ASN A 67 -10.03 -3.05 -15.25
CA ASN A 67 -9.56 -2.09 -14.21
C ASN A 67 -10.67 -1.08 -13.91
N ASN A 68 -11.92 -1.53 -13.92
CA ASN A 68 -13.13 -0.71 -13.61
C ASN A 68 -13.36 0.34 -14.70
N LEU A 69 -12.74 0.18 -15.88
CA LEU A 69 -13.00 1.03 -17.06
C LEU A 69 -14.16 0.44 -17.88
N VAL A 70 -15.07 1.28 -18.34
CA VAL A 70 -16.32 0.87 -19.07
C VAL A 70 -16.50 1.79 -20.29
N GLN A 71 -16.77 1.21 -21.45
CA GLN A 71 -16.99 1.94 -22.73
C GLN A 71 -18.50 1.97 -23.02
N SER A 72 -19.02 3.15 -23.37
CA SER A 72 -20.45 3.36 -23.74
C SER A 72 -20.77 2.55 -25.01
N ASN A 73 -21.93 1.88 -25.02
CA ASN A 73 -22.41 1.07 -26.17
C ASN A 73 -22.79 2.02 -27.31
N LYS A 74 -23.50 3.09 -26.99
CA LYS A 74 -23.85 4.18 -27.94
C LYS A 74 -22.79 5.27 -27.86
N PRO A 75 -22.52 6.01 -28.95
CA PRO A 75 -21.64 7.18 -28.91
C PRO A 75 -22.38 8.41 -28.34
N PHE A 76 -21.63 9.37 -27.79
CA PHE A 76 -22.15 10.64 -27.23
C PHE A 76 -21.57 11.82 -28.04
N SER A 77 -22.18 13.00 -27.92
CA SER A 77 -21.65 14.28 -28.46
C SER A 77 -20.79 14.96 -27.38
N VAL A 78 -19.53 15.26 -27.70
CA VAL A 78 -18.54 15.84 -26.74
C VAL A 78 -17.96 17.14 -27.32
N VAL A 79 -17.64 18.09 -26.45
CA VAL A 79 -16.87 19.33 -26.77
C VAL A 79 -15.52 19.24 -26.04
N ILE A 80 -14.43 19.43 -26.79
CA ILE A 80 -13.03 19.32 -26.29
C ILE A 80 -12.39 20.70 -26.32
N CYS A 81 -11.98 21.21 -25.16
CA CYS A 81 -11.20 22.47 -25.01
C CYS A 81 -9.72 22.13 -24.86
N THR A 82 -8.89 22.61 -25.79
CA THR A 82 -7.44 22.25 -25.91
C THR A 82 -6.58 23.50 -25.77
N HIS A 83 -5.53 23.42 -24.94
CA HIS A 83 -4.54 24.51 -24.66
C HIS A 83 -3.70 24.77 -25.93
N THR A 84 -3.73 26.00 -26.45
CA THR A 84 -3.12 26.38 -27.75
C THR A 84 -2.03 27.44 -27.56
N GLY A 85 -2.08 28.21 -26.46
CA GLY A 85 -1.12 29.31 -26.18
C GLY A 85 -1.09 29.68 -24.71
N GLY A 86 0.00 30.33 -24.29
CA GLY A 86 0.21 30.83 -22.91
C GLY A 86 0.84 29.77 -22.03
N GLU A 87 1.71 30.19 -21.11
CA GLU A 87 2.46 29.29 -20.17
C GLU A 87 1.64 29.10 -18.89
N SER A 88 1.11 30.21 -18.35
CA SER A 88 0.36 30.26 -17.07
C SER A 88 -0.70 31.36 -17.13
N HIS A 89 -1.81 31.19 -16.40
CA HIS A 89 -2.92 32.17 -16.28
C HIS A 89 -2.37 33.49 -15.76
N PRO A 90 -2.90 34.65 -16.22
CA PRO A 90 -4.08 34.70 -17.08
C PRO A 90 -3.79 34.85 -18.59
N ASN A 91 -2.78 34.13 -19.11
CA ASN A 91 -2.27 34.30 -20.50
C ASN A 91 -2.58 33.04 -21.32
N CYS A 92 -3.32 32.09 -20.75
CA CYS A 92 -3.62 30.78 -21.37
C CYS A 92 -4.81 30.90 -22.32
N THR A 93 -4.69 30.30 -23.51
CA THR A 93 -5.69 30.36 -24.61
C THR A 93 -6.00 28.95 -25.09
N TYR A 94 -7.29 28.66 -25.28
CA TYR A 94 -7.82 27.31 -25.62
C TYR A 94 -8.58 27.37 -26.95
N LYS A 95 -8.56 26.25 -27.68
CA LYS A 95 -9.38 26.03 -28.89
C LYS A 95 -10.43 24.96 -28.59
N GLY A 96 -11.67 25.19 -29.00
CA GLY A 96 -12.78 24.23 -28.84
C GLY A 96 -13.05 23.46 -30.12
N SER A 97 -13.02 22.13 -30.04
CA SER A 97 -13.41 21.21 -31.14
C SER A 97 -14.57 20.32 -30.65
N SER A 98 -15.29 19.69 -31.57
CA SER A 98 -16.50 18.88 -31.29
C SER A 98 -16.44 17.54 -32.05
N ALA A 99 -16.54 16.43 -31.33
CA ALA A 99 -16.60 15.06 -31.89
C ALA A 99 -17.91 14.38 -31.46
N THR A 100 -18.17 13.19 -32.01
CA THR A 100 -19.31 12.31 -31.65
C THR A 100 -18.82 10.87 -31.61
N LYS A 101 -18.39 10.39 -30.44
CA LYS A 101 -17.72 9.08 -30.27
C LYS A 101 -18.18 8.43 -28.96
N LYS A 102 -17.96 7.11 -28.84
CA LYS A 102 -18.09 6.33 -27.60
C LYS A 102 -17.07 6.87 -26.58
N VAL A 103 -17.47 7.02 -25.31
CA VAL A 103 -16.59 7.51 -24.21
C VAL A 103 -16.23 6.33 -23.30
N ILE A 104 -15.03 6.36 -22.71
CA ILE A 104 -14.55 5.35 -21.72
C ILE A 104 -14.44 6.06 -20.36
N ILE A 105 -15.05 5.49 -19.33
CA ILE A 105 -15.13 6.06 -17.95
C ILE A 105 -14.85 4.95 -16.93
N ALA A 106 -14.60 5.32 -15.69
CA ALA A 106 -14.44 4.40 -14.54
C ALA A 106 -15.74 4.42 -13.71
N CYS A 107 -16.31 3.23 -13.46
CA CYS A 107 -17.52 3.04 -12.63
C CYS A 107 -17.11 2.48 -11.26
N ASP A 108 -17.68 3.05 -10.19
CA ASP A 108 -17.60 2.50 -8.81
C ASP A 108 -19.04 2.22 -8.37
N GLY A 109 -19.49 0.96 -8.56
CA GLY A 109 -20.91 0.58 -8.45
C GLY A 109 -21.68 1.13 -9.64
N LYS A 110 -22.76 1.86 -9.39
CA LYS A 110 -23.64 2.45 -10.43
C LYS A 110 -23.27 3.92 -10.65
N PHE A 111 -22.08 4.33 -10.20
CA PHE A 111 -21.61 5.74 -10.19
C PHE A 111 -20.37 5.89 -11.06
N PRO A 112 -20.44 6.73 -12.13
CA PRO A 112 -19.24 7.20 -12.81
C PRO A 112 -18.39 8.05 -11.85
N VAL A 113 -17.08 7.89 -11.85
CA VAL A 113 -16.17 8.57 -10.87
C VAL A 113 -14.88 9.03 -11.57
N HIS A 114 -14.80 8.95 -12.91
CA HIS A 114 -13.64 9.44 -13.68
C HIS A 114 -13.86 9.31 -15.19
N TYR A 115 -13.27 10.22 -15.98
CA TYR A 115 -13.25 10.21 -17.47
C TYR A 115 -11.86 9.77 -17.95
N ASP A 116 -11.81 8.79 -18.86
CA ASP A 116 -10.56 8.13 -19.31
C ASP A 116 -10.23 8.50 -20.77
N GLY A 117 -11.21 9.00 -21.52
CA GLY A 117 -11.01 9.47 -22.91
C GLY A 117 -12.06 8.93 -23.88
N ILE A 118 -11.85 9.11 -25.18
CA ILE A 118 -12.82 8.71 -26.26
C ILE A 118 -12.22 7.57 -27.09
N THR A 119 -13.11 6.76 -27.68
CA THR A 119 -12.81 5.73 -28.72
C THR A 119 -13.85 5.86 -29.84
N ASP A 120 -13.50 5.46 -31.06
CA ASP A 120 -14.40 5.49 -32.25
C ASP A 120 -14.86 6.93 -32.50
N GLN B 5 -7.92 9.38 1.11
CA GLN B 5 -8.59 8.04 1.04
C GLN B 5 -8.42 7.48 -0.39
N GLN B 6 -8.46 8.34 -1.40
CA GLN B 6 -8.39 7.95 -2.83
C GLN B 6 -6.99 7.42 -3.16
N TYR B 7 -5.93 8.02 -2.58
CA TYR B 7 -4.51 7.61 -2.80
C TYR B 7 -4.29 6.21 -2.20
N ASN B 8 -4.82 5.98 -1.00
CA ASN B 8 -4.72 4.67 -0.29
C ASN B 8 -5.37 3.60 -1.17
N HIS B 9 -6.60 3.83 -1.60
CA HIS B 9 -7.40 2.90 -2.44
C HIS B 9 -6.63 2.53 -3.71
N PHE B 10 -6.02 3.53 -4.37
CA PHE B 10 -5.18 3.37 -5.59
C PHE B 10 -4.00 2.45 -5.28
N LEU B 11 -3.32 2.69 -4.15
CA LEU B 11 -2.13 1.92 -3.70
C LEU B 11 -2.54 0.45 -3.47
N LYS B 12 -3.58 0.23 -2.66
CA LYS B 12 -4.01 -1.12 -2.20
C LYS B 12 -4.44 -1.97 -3.41
N GLN B 13 -4.85 -1.32 -4.50
CA GLN B 13 -5.46 -1.98 -5.69
C GLN B 13 -4.42 -2.20 -6.80
N HIS B 14 -3.48 -1.26 -6.99
CA HIS B 14 -2.66 -1.18 -8.22
C HIS B 14 -1.17 -1.06 -7.91
N VAL B 15 -0.75 -1.13 -6.65
CA VAL B 15 0.69 -1.07 -6.27
C VAL B 15 1.00 -2.20 -5.29
N ASP B 16 1.81 -3.16 -5.74
CA ASP B 16 2.29 -4.32 -4.92
C ASP B 16 3.57 -4.85 -5.56
N GLY B 17 4.72 -4.50 -4.99
CA GLY B 17 6.06 -4.82 -5.54
C GLY B 17 6.36 -6.30 -5.45
N GLU B 18 5.55 -7.05 -4.69
CA GLU B 18 5.75 -8.50 -4.44
C GLU B 18 4.78 -9.33 -5.29
N MET B 19 3.99 -8.69 -6.14
CA MET B 19 2.96 -9.36 -6.98
C MET B 19 3.67 -10.21 -8.05
N THR B 20 3.09 -11.37 -8.37
CA THR B 20 3.62 -12.35 -9.35
C THR B 20 2.44 -12.95 -10.14
N THR B 21 2.71 -13.42 -11.36
CA THR B 21 1.70 -13.98 -12.30
C THR B 21 0.95 -15.15 -11.64
N LEU B 22 1.57 -15.82 -10.67
CA LEU B 22 1.08 -17.08 -10.04
C LEU B 22 0.07 -16.77 -8.94
N LYS B 23 0.02 -15.53 -8.45
CA LYS B 23 -0.77 -15.13 -7.25
C LYS B 23 -2.08 -14.45 -7.67
N CYS B 24 -2.52 -14.63 -8.93
CA CYS B 24 -3.73 -13.99 -9.48
C CYS B 24 -4.98 -14.51 -8.76
N LYS B 25 -5.01 -15.81 -8.43
CA LYS B 25 -6.15 -16.47 -7.74
C LYS B 25 -6.44 -15.71 -6.44
N SER B 26 -5.45 -15.64 -5.54
CA SER B 26 -5.54 -15.06 -4.18
C SER B 26 -5.81 -13.55 -4.26
N GLN B 27 -4.98 -12.82 -5.02
CA GLN B 27 -5.05 -11.34 -5.14
C GLN B 27 -6.47 -10.93 -5.55
N MET B 28 -6.97 -11.50 -6.64
CA MET B 28 -8.30 -11.16 -7.23
C MET B 28 -9.40 -11.53 -6.23
N GLU B 29 -9.25 -12.67 -5.53
CA GLU B 29 -10.23 -13.18 -4.53
C GLU B 29 -10.54 -12.07 -3.51
N ILE B 30 -9.54 -11.23 -3.20
CA ILE B 30 -9.64 -10.09 -2.25
C ILE B 30 -10.52 -9.00 -2.88
N LEU B 31 -10.13 -8.51 -4.07
CA LEU B 31 -10.80 -7.41 -4.80
C LEU B 31 -12.28 -7.77 -5.06
N ASN B 32 -12.57 -9.06 -5.23
CA ASN B 32 -13.93 -9.59 -5.52
C ASN B 32 -14.78 -9.52 -4.25
N CYS B 40 -17.63 -10.65 -9.85
CA CYS B 40 -16.50 -11.38 -10.48
C CYS B 40 -15.79 -10.45 -11.47
N LYS B 41 -14.70 -9.80 -11.02
CA LYS B 41 -14.02 -8.69 -11.77
C LYS B 41 -13.35 -9.27 -13.02
N LEU B 42 -13.29 -8.47 -14.10
CA LEU B 42 -12.80 -8.87 -15.44
C LEU B 42 -11.27 -8.82 -15.49
N LYS B 43 -10.67 -7.74 -14.98
CA LYS B 43 -9.20 -7.50 -15.10
C LYS B 43 -8.73 -6.50 -14.04
N ASN B 44 -7.52 -6.70 -13.53
CA ASN B 44 -6.82 -5.74 -12.64
C ASN B 44 -5.31 -5.82 -12.93
N THR B 45 -4.66 -4.66 -13.01
CA THR B 45 -3.20 -4.52 -13.25
C THR B 45 -2.51 -4.05 -11.97
N PHE B 46 -1.44 -4.76 -11.57
CA PHE B 46 -0.61 -4.45 -10.38
C PHE B 46 0.75 -3.92 -10.84
N ILE B 47 1.12 -2.72 -10.37
CA ILE B 47 2.44 -2.08 -10.66
C ILE B 47 3.45 -2.56 -9.63
N LEU B 48 4.55 -3.16 -10.09
CA LEU B 48 5.66 -3.69 -9.25
C LEU B 48 6.62 -2.53 -8.91
N ALA B 49 6.39 -1.83 -7.81
CA ALA B 49 7.20 -0.69 -7.33
C ALA B 49 6.75 -0.26 -5.93
N ASN B 50 7.56 0.56 -5.25
CA ASN B 50 7.23 1.20 -3.95
C ASN B 50 6.29 2.38 -4.21
N PRO B 51 5.45 2.76 -3.23
CA PRO B 51 4.54 3.89 -3.40
C PRO B 51 5.24 5.13 -3.96
N ASP B 52 6.38 5.51 -3.36
CA ASP B 52 7.13 6.76 -3.67
C ASP B 52 7.45 6.80 -5.17
N GLN B 53 7.83 5.67 -5.76
CA GLN B 53 8.26 5.56 -7.18
C GLN B 53 7.07 5.87 -8.11
N VAL B 54 5.87 5.44 -7.73
CA VAL B 54 4.62 5.61 -8.54
C VAL B 54 4.11 7.04 -8.35
N GLN B 55 4.35 7.62 -7.17
CA GLN B 55 3.92 9.00 -6.80
C GLN B 55 4.74 10.00 -7.59
N ALA B 56 5.98 9.62 -7.97
CA ALA B 56 6.95 10.45 -8.71
C ALA B 56 6.39 10.82 -10.09
N ILE B 57 5.43 10.02 -10.58
CA ILE B 57 4.77 10.22 -11.90
C ILE B 57 3.98 11.54 -11.87
N CYS B 58 3.61 11.99 -10.67
CA CYS B 58 2.76 13.20 -10.46
C CYS B 58 3.62 14.41 -10.11
N THR B 59 4.92 14.21 -9.87
CA THR B 59 5.83 15.24 -9.28
C THR B 59 7.06 15.46 -10.16
N GLY B 60 7.01 15.10 -11.46
CA GLY B 60 8.08 15.42 -12.42
C GLY B 60 8.49 14.25 -13.31
N GLY B 61 8.20 13.02 -12.89
CA GLY B 61 8.54 11.79 -13.66
C GLY B 61 7.48 11.45 -14.70
N GLY B 62 6.49 12.33 -14.90
CA GLY B 62 5.33 12.09 -15.79
C GLY B 62 5.28 13.07 -16.96
N THR B 63 4.27 12.93 -17.82
CA THR B 63 4.02 13.78 -19.01
C THR B 63 2.50 13.96 -19.18
N LEU B 64 2.02 15.19 -18.98
CA LEU B 64 0.59 15.56 -19.08
C LEU B 64 -0.01 15.01 -20.37
N LYS B 65 -1.24 14.49 -20.33
CA LYS B 65 -1.91 13.80 -21.46
C LYS B 65 -3.31 14.40 -21.66
N GLY B 66 -3.85 15.07 -20.64
CA GLY B 66 -5.18 15.73 -20.70
C GLY B 66 -6.16 15.10 -19.72
N ASN B 67 -7.16 15.88 -19.28
CA ASN B 67 -8.23 15.44 -18.36
C ASN B 67 -7.59 14.89 -17.07
N ASN B 68 -6.47 15.50 -16.65
CA ASN B 68 -5.74 15.17 -15.39
C ASN B 68 -5.14 13.76 -15.49
N LEU B 69 -4.99 13.25 -16.71
CA LEU B 69 -4.26 11.99 -17.01
C LEU B 69 -2.78 12.31 -17.24
N VAL B 70 -1.90 11.48 -16.68
CA VAL B 70 -0.41 11.66 -16.76
C VAL B 70 0.21 10.31 -17.16
N GLN B 71 1.11 10.34 -18.14
CA GLN B 71 1.83 9.14 -18.64
C GLN B 71 3.26 9.15 -18.08
N SER B 72 3.70 8.01 -17.53
CA SER B 72 5.07 7.84 -16.97
C SER B 72 6.09 8.01 -18.10
N ASN B 73 7.18 8.73 -17.82
CA ASN B 73 8.28 8.97 -18.79
C ASN B 73 9.03 7.66 -19.03
N LYS B 74 9.31 6.93 -17.96
CA LYS B 74 9.94 5.58 -17.95
C LYS B 74 8.83 4.52 -17.94
N PRO B 75 9.05 3.33 -18.54
CA PRO B 75 8.12 2.21 -18.39
C PRO B 75 8.29 1.50 -17.04
N PHE B 76 7.23 0.84 -16.57
CA PHE B 76 7.20 0.07 -15.30
C PHE B 76 6.97 -1.41 -15.61
N SER B 77 7.30 -2.28 -14.64
CA SER B 77 6.98 -3.74 -14.65
C SER B 77 5.58 -3.95 -14.05
N VAL B 78 4.67 -4.56 -14.81
CA VAL B 78 3.24 -4.72 -14.41
C VAL B 78 2.86 -6.21 -14.52
N VAL B 79 2.02 -6.68 -13.61
CA VAL B 79 1.41 -8.04 -13.63
C VAL B 79 -0.10 -7.87 -13.83
N ILE B 80 -0.66 -8.51 -14.86
CA ILE B 80 -2.08 -8.36 -15.27
C ILE B 80 -2.79 -9.69 -15.01
N CYS B 81 -3.81 -9.67 -14.15
CA CYS B 81 -4.73 -10.82 -13.90
C CYS B 81 -6.00 -10.65 -14.74
N THR B 82 -6.29 -11.62 -15.62
CA THR B 82 -7.39 -11.58 -16.61
C THR B 82 -8.36 -12.73 -16.35
N HIS B 83 -9.66 -12.42 -16.30
CA HIS B 83 -10.79 -13.36 -16.04
C HIS B 83 -10.95 -14.33 -17.21
N THR B 84 -10.86 -15.65 -16.94
CA THR B 84 -10.86 -16.72 -17.97
C THR B 84 -12.08 -17.65 -17.80
N GLY B 85 -12.70 -17.65 -16.62
CA GLY B 85 -13.89 -18.48 -16.34
C GLY B 85 -14.58 -18.11 -15.04
N GLY B 86 -15.83 -18.57 -14.88
CA GLY B 86 -16.64 -18.37 -13.65
C GLY B 86 -17.47 -17.10 -13.73
N GLU B 87 -18.71 -17.17 -13.23
CA GLU B 87 -19.72 -16.07 -13.28
C GLU B 87 -19.63 -15.25 -11.99
N SER B 88 -19.52 -15.91 -10.84
CA SER B 88 -19.51 -15.29 -9.49
C SER B 88 -18.60 -16.09 -8.55
N HIS B 89 -17.98 -15.41 -7.58
CA HIS B 89 -17.07 -16.03 -6.56
C HIS B 89 -17.85 -17.05 -5.74
N PRO B 90 -17.20 -18.14 -5.28
CA PRO B 90 -15.79 -18.41 -5.58
C PRO B 90 -15.56 -19.41 -6.73
N ASN B 91 -16.16 -19.13 -7.90
CA ASN B 91 -16.05 -19.98 -9.11
C ASN B 91 -15.20 -19.27 -10.18
N CYS B 92 -14.65 -18.11 -9.86
CA CYS B 92 -13.90 -17.23 -10.80
C CYS B 92 -12.46 -17.74 -10.96
N THR B 93 -11.97 -17.80 -12.20
CA THR B 93 -10.61 -18.28 -12.56
C THR B 93 -9.93 -17.23 -13.45
N TYR B 94 -8.68 -16.90 -13.15
CA TYR B 94 -7.90 -15.82 -13.80
C TYR B 94 -6.61 -16.39 -14.38
N LYS B 95 -6.08 -15.75 -15.43
CA LYS B 95 -4.72 -16.01 -15.96
C LYS B 95 -3.86 -14.76 -15.73
N GLY B 96 -2.63 -14.95 -15.25
CA GLY B 96 -1.65 -13.87 -15.02
C GLY B 96 -0.68 -13.74 -16.18
N SER B 97 -0.54 -12.54 -16.72
CA SER B 97 0.50 -12.17 -17.73
C SER B 97 1.34 -11.03 -17.17
N SER B 98 2.55 -10.83 -17.70
CA SER B 98 3.54 -9.85 -17.21
C SER B 98 4.16 -9.07 -18.38
N ALA B 99 4.03 -7.74 -18.36
CA ALA B 99 4.56 -6.81 -19.38
C ALA B 99 5.49 -5.79 -18.72
N THR B 100 6.17 -4.96 -19.53
CA THR B 100 6.99 -3.80 -19.09
C THR B 100 6.70 -2.62 -20.02
N LYS B 101 5.74 -1.75 -19.64
CA LYS B 101 5.26 -0.62 -20.47
C LYS B 101 5.04 0.62 -19.61
N LYS B 102 4.98 1.80 -20.26
CA LYS B 102 4.58 3.08 -19.62
C LYS B 102 3.12 2.97 -19.18
N VAL B 103 2.81 3.47 -17.99
CA VAL B 103 1.43 3.45 -17.40
C VAL B 103 0.85 4.87 -17.47
N ILE B 104 -0.48 4.95 -17.63
CA ILE B 104 -1.24 6.23 -17.59
C ILE B 104 -2.10 6.23 -16.32
N ILE B 105 -2.03 7.30 -15.53
CA ILE B 105 -2.75 7.45 -14.23
C ILE B 105 -3.31 8.86 -14.14
N ALA B 106 -4.21 9.10 -13.17
CA ALA B 106 -4.79 10.42 -12.85
C ALA B 106 -4.12 10.96 -11.59
N CYS B 107 -3.56 12.17 -11.66
CA CYS B 107 -2.92 12.86 -10.50
C CYS B 107 -3.86 13.96 -9.97
N ASP B 108 -4.01 14.03 -8.65
CA ASP B 108 -4.72 15.12 -7.93
C ASP B 108 -3.69 15.75 -6.99
N GLY B 109 -3.02 16.81 -7.45
CA GLY B 109 -1.82 17.35 -6.80
C GLY B 109 -0.64 16.41 -7.00
N LYS B 110 0.01 16.00 -5.92
CA LYS B 110 1.19 15.09 -5.95
C LYS B 110 0.74 13.66 -5.63
N PHE B 111 -0.57 13.38 -5.74
CA PHE B 111 -1.19 12.10 -5.34
C PHE B 111 -1.83 11.41 -6.54
N PRO B 112 -1.36 10.19 -6.90
CA PRO B 112 -2.10 9.32 -7.81
C PRO B 112 -3.45 8.93 -7.17
N VAL B 113 -4.54 8.91 -7.95
CA VAL B 113 -5.91 8.65 -7.42
C VAL B 113 -6.69 7.76 -8.38
N HIS B 114 -6.07 7.22 -9.43
CA HIS B 114 -6.72 6.31 -10.40
C HIS B 114 -5.73 5.75 -11.42
N TYR B 115 -5.97 4.50 -11.88
CA TYR B 115 -5.21 3.81 -12.95
C TYR B 115 -6.07 3.79 -14.22
N ASP B 116 -5.50 4.22 -15.35
CA ASP B 116 -6.22 4.41 -16.64
C ASP B 116 -5.80 3.33 -17.64
N GLY B 117 -4.65 2.68 -17.43
CA GLY B 117 -4.20 1.55 -18.26
C GLY B 117 -2.76 1.68 -18.71
N ILE B 118 -2.36 0.79 -19.64
CA ILE B 118 -0.99 0.64 -20.21
C ILE B 118 -0.98 1.22 -21.62
N THR B 119 0.05 1.96 -22.00
CA THR B 119 0.10 2.79 -23.23
C THR B 119 0.01 1.89 -24.48
N ASP B 120 0.77 0.80 -24.52
CA ASP B 120 0.79 -0.20 -25.62
C ASP B 120 0.97 -1.61 -25.04
N ASN C 4 17.78 -18.21 3.34
CA ASN C 4 16.95 -17.06 3.83
C ASN C 4 17.88 -15.99 4.42
N GLN C 5 17.89 -14.80 3.81
CA GLN C 5 18.80 -13.67 4.16
C GLN C 5 18.35 -13.03 5.48
N GLN C 6 17.04 -13.05 5.76
CA GLN C 6 16.44 -12.44 6.98
C GLN C 6 16.87 -13.22 8.23
N TYR C 7 16.90 -14.56 8.13
CA TYR C 7 17.29 -15.49 9.23
C TYR C 7 18.78 -15.31 9.54
N ASN C 8 19.61 -15.19 8.50
CA ASN C 8 21.07 -14.95 8.61
C ASN C 8 21.30 -13.65 9.41
N HIS C 9 20.68 -12.55 8.96
CA HIS C 9 20.78 -11.19 9.57
C HIS C 9 20.41 -11.27 11.06
N PHE C 10 19.34 -11.99 11.41
CA PHE C 10 18.87 -12.19 12.81
C PHE C 10 19.95 -12.91 13.62
N LEU C 11 20.54 -13.97 13.04
CA LEU C 11 21.59 -14.78 13.68
C LEU C 11 22.83 -13.92 13.96
N LYS C 12 23.31 -13.22 12.92
CA LYS C 12 24.58 -12.44 12.95
C LYS C 12 24.45 -11.29 13.96
N GLN C 13 23.22 -10.87 14.28
CA GLN C 13 22.95 -9.69 15.14
C GLN C 13 22.65 -10.11 16.59
N HIS C 14 21.93 -11.22 16.78
CA HIS C 14 21.25 -11.54 18.07
C HIS C 14 21.57 -12.95 18.58
N VAL C 15 22.46 -13.70 17.92
CA VAL C 15 22.85 -15.06 18.39
C VAL C 15 24.37 -15.19 18.35
N ASP C 16 24.99 -15.33 19.54
CA ASP C 16 26.44 -15.54 19.76
C ASP C 16 26.64 -16.20 21.12
N GLY C 17 26.86 -17.51 21.14
CA GLY C 17 26.96 -18.33 22.36
C GLY C 17 28.21 -18.03 23.16
N GLU C 18 29.16 -17.27 22.59
CA GLU C 18 30.45 -16.92 23.22
C GLU C 18 30.43 -15.48 23.76
N MET C 19 29.30 -14.77 23.65
CA MET C 19 29.18 -13.34 24.02
C MET C 19 29.31 -13.19 25.54
N THR C 20 29.96 -12.10 25.99
CA THR C 20 30.23 -11.77 27.42
C THR C 20 30.07 -10.26 27.62
N THR C 21 29.75 -9.83 28.84
CA THR C 21 29.44 -8.41 29.19
C THR C 21 30.63 -7.52 28.87
N LEU C 22 31.85 -8.08 28.85
CA LEU C 22 33.12 -7.33 28.73
C LEU C 22 33.46 -7.07 27.25
N LYS C 23 32.80 -7.75 26.32
CA LYS C 23 33.12 -7.70 24.86
C LYS C 23 32.17 -6.75 24.12
N CYS C 24 31.49 -5.84 24.83
CA CYS C 24 30.51 -4.88 24.26
C CYS C 24 31.21 -3.92 23.29
N LYS C 25 32.42 -3.47 23.64
CA LYS C 25 33.24 -2.52 22.83
C LYS C 25 33.40 -3.08 21.41
N SER C 26 34.00 -4.26 21.30
CA SER C 26 34.36 -4.94 20.03
C SER C 26 33.10 -5.32 19.24
N GLN C 27 32.15 -6.02 19.88
CA GLN C 27 30.90 -6.52 19.25
C GLN C 27 30.16 -5.36 18.59
N MET C 28 29.88 -4.29 19.35
CA MET C 28 29.11 -3.12 18.87
C MET C 28 29.89 -2.41 17.74
N GLU C 29 31.22 -2.34 17.86
CA GLU C 29 32.14 -1.72 16.85
C GLU C 29 31.85 -2.30 15.47
N ILE C 30 31.49 -3.58 15.41
CA ILE C 30 31.15 -4.32 14.16
C ILE C 30 29.79 -3.83 13.64
N LEU C 31 28.73 -3.98 14.45
CA LEU C 31 27.36 -3.49 14.17
C LEU C 31 27.42 -1.99 13.85
N CYS C 40 25.25 5.67 15.90
CA CYS C 40 25.62 4.68 16.94
C CYS C 40 24.37 4.01 17.53
N LYS C 41 24.35 2.67 17.57
CA LYS C 41 23.22 1.86 18.09
C LYS C 41 23.03 2.19 19.57
N LEU C 42 21.77 2.31 20.03
CA LEU C 42 21.39 2.63 21.43
C LEU C 42 21.56 1.37 22.29
N LYS C 43 21.14 0.22 21.77
CA LYS C 43 21.14 -1.07 22.50
C LYS C 43 21.08 -2.23 21.49
N ASN C 44 21.75 -3.34 21.82
CA ASN C 44 21.62 -4.63 21.11
C ASN C 44 21.70 -5.76 22.15
N THR C 45 20.83 -6.77 22.02
CA THR C 45 20.77 -7.94 22.93
C THR C 45 21.27 -9.18 22.18
N PHE C 46 22.21 -9.92 22.79
CA PHE C 46 22.82 -11.15 22.22
C PHE C 46 22.32 -12.36 23.03
N ILE C 47 21.71 -13.32 22.34
CA ILE C 47 21.24 -14.61 22.92
C ILE C 47 22.40 -15.60 22.93
N LEU C 48 22.77 -16.10 24.11
CA LEU C 48 23.84 -17.12 24.32
C LEU C 48 23.24 -18.51 24.08
N ALA C 49 23.29 -19.00 22.84
CA ALA C 49 22.71 -20.31 22.43
C ALA C 49 23.16 -20.66 21.01
N ASN C 50 22.98 -21.93 20.63
CA ASN C 50 23.19 -22.44 19.25
C ASN C 50 21.97 -22.07 18.40
N PRO C 51 22.13 -21.89 17.08
CA PRO C 51 21.03 -21.48 16.22
C PRO C 51 19.79 -22.37 16.40
N ASP C 52 20.00 -23.70 16.41
CA ASP C 52 18.92 -24.72 16.47
C ASP C 52 18.01 -24.44 17.67
N GLN C 53 18.59 -24.07 18.83
CA GLN C 53 17.85 -23.87 20.10
C GLN C 53 16.90 -22.68 19.96
N VAL C 54 17.34 -21.62 19.26
CA VAL C 54 16.56 -20.36 19.06
C VAL C 54 15.50 -20.60 17.98
N GLN C 55 15.80 -21.45 17.01
CA GLN C 55 14.88 -21.78 15.88
C GLN C 55 13.71 -22.62 16.41
N ALA C 56 13.96 -23.38 17.49
CA ALA C 56 12.98 -24.30 18.13
C ALA C 56 11.79 -23.49 18.67
N ILE C 57 12.01 -22.19 18.90
CA ILE C 57 10.98 -21.24 19.42
C ILE C 57 9.86 -21.11 18.38
N CYS C 58 10.16 -21.39 17.11
CA CYS C 58 9.24 -21.23 15.96
C CYS C 58 8.61 -22.58 15.57
N THR C 59 9.08 -23.69 16.16
CA THR C 59 8.78 -25.08 15.71
C THR C 59 8.20 -25.91 16.86
N GLY C 60 7.64 -25.28 17.89
CA GLY C 60 6.90 -25.98 18.97
C GLY C 60 7.32 -25.56 20.37
N GLY C 61 8.53 -25.00 20.52
CA GLY C 61 9.08 -24.58 21.82
C GLY C 61 8.68 -23.17 22.21
N GLY C 62 7.73 -22.58 21.46
CA GLY C 62 7.27 -21.19 21.65
C GLY C 62 5.81 -21.11 22.07
N THR C 63 5.31 -19.91 22.28
CA THR C 63 3.89 -19.61 22.62
C THR C 63 3.44 -18.37 21.85
N LEU C 64 2.56 -18.56 20.87
CA LEU C 64 1.98 -17.49 20.01
C LEU C 64 1.54 -16.30 20.88
N LYS C 65 1.80 -15.08 20.41
CA LYS C 65 1.47 -13.81 21.11
C LYS C 65 0.68 -12.89 20.18
N GLY C 66 0.75 -13.13 18.86
CA GLY C 66 0.02 -12.38 17.83
C GLY C 66 0.95 -11.57 16.95
N ASN C 67 0.49 -11.22 15.74
CA ASN C 67 1.27 -10.41 14.76
C ASN C 67 2.58 -11.13 14.46
N ASN C 68 2.57 -12.46 14.44
CA ASN C 68 3.73 -13.33 14.09
C ASN C 68 4.79 -13.24 15.19
N LEU C 69 4.44 -12.75 16.38
CA LEU C 69 5.34 -12.68 17.56
C LEU C 69 5.16 -13.95 18.39
N VAL C 70 6.26 -14.54 18.87
CA VAL C 70 6.30 -15.82 19.62
C VAL C 70 7.22 -15.67 20.83
N GLN C 71 6.76 -16.12 22.01
CA GLN C 71 7.54 -16.08 23.28
C GLN C 71 8.07 -17.48 23.58
N SER C 72 9.35 -17.60 23.90
CA SER C 72 10.03 -18.89 24.24
C SER C 72 9.41 -19.47 25.50
N ASN C 73 9.17 -20.77 25.52
CA ASN C 73 8.63 -21.50 26.71
C ASN C 73 9.74 -21.58 27.77
N LYS C 74 10.98 -21.86 27.34
CA LYS C 74 12.20 -21.86 28.19
C LYS C 74 12.80 -20.47 28.20
N PRO C 75 13.40 -20.01 29.32
CA PRO C 75 14.18 -18.78 29.33
C PRO C 75 15.58 -19.00 28.76
N PHE C 76 16.19 -17.95 28.22
CA PHE C 76 17.57 -17.96 27.65
C PHE C 76 18.46 -17.04 28.48
N SER C 77 19.78 -17.22 28.38
CA SER C 77 20.81 -16.32 28.94
C SER C 77 21.17 -15.28 27.88
N VAL C 78 21.03 -13.99 28.20
CA VAL C 78 21.26 -12.87 27.24
C VAL C 78 22.30 -11.90 27.82
N VAL C 79 23.11 -11.31 26.95
CA VAL C 79 24.02 -10.17 27.27
C VAL C 79 23.50 -8.93 26.52
N ILE C 80 23.30 -7.83 27.24
CA ILE C 80 22.76 -6.56 26.69
C ILE C 80 23.87 -5.49 26.72
N CYS C 81 24.25 -4.96 25.55
CA CYS C 81 25.16 -3.80 25.40
C CYS C 81 24.34 -2.53 25.23
N THR C 82 24.48 -1.56 26.15
CA THR C 82 23.68 -0.31 26.23
C THR C 82 24.61 0.90 26.05
N HIS C 83 24.23 1.84 25.18
CA HIS C 83 24.97 3.08 24.83
C HIS C 83 24.98 4.03 26.02
N THR C 84 26.17 4.40 26.52
CA THR C 84 26.36 5.20 27.76
C THR C 84 27.04 6.53 27.44
N GLY C 85 27.79 6.62 26.33
CA GLY C 85 28.57 7.82 25.96
C GLY C 85 28.90 7.86 24.48
N GLY C 86 29.19 9.06 23.95
CA GLY C 86 29.61 9.29 22.55
C GLY C 86 28.40 9.50 21.65
N GLU C 87 28.55 10.36 20.63
CA GLU C 87 27.50 10.67 19.64
C GLU C 87 27.67 9.75 18.42
N SER C 88 28.91 9.59 17.92
CA SER C 88 29.25 8.79 16.72
C SER C 88 30.63 8.13 16.90
N HIS C 89 30.83 6.96 16.30
CA HIS C 89 32.10 6.18 16.31
C HIS C 89 33.22 7.05 15.72
N PRO C 90 34.48 6.92 16.22
CA PRO C 90 34.81 5.93 17.25
C PRO C 90 34.84 6.48 18.69
N ASN C 91 33.81 7.22 19.09
CA ASN C 91 33.70 7.90 20.41
C ASN C 91 32.62 7.23 21.27
N CYS C 92 31.96 6.19 20.74
CA CYS C 92 30.78 5.55 21.36
C CYS C 92 31.24 4.52 22.40
N THR C 93 30.59 4.53 23.57
CA THR C 93 30.93 3.70 24.76
C THR C 93 29.66 3.01 25.26
N TYR C 94 29.76 1.71 25.55
CA TYR C 94 28.63 0.84 25.92
C TYR C 94 28.89 0.21 27.30
N LYS C 95 27.80 -0.08 28.03
CA LYS C 95 27.76 -0.85 29.29
C LYS C 95 27.14 -2.20 29.02
N GLY C 96 27.77 -3.29 29.48
CA GLY C 96 27.27 -4.67 29.33
C GLY C 96 26.58 -5.14 30.59
N SER C 97 25.32 -5.55 30.48
CA SER C 97 24.52 -6.17 31.58
C SER C 97 24.05 -7.55 31.11
N SER C 98 23.67 -8.42 32.05
CA SER C 98 23.41 -9.87 31.80
C SER C 98 22.16 -10.32 32.58
N ALA C 99 21.14 -10.79 31.86
CA ALA C 99 19.86 -11.30 32.41
C ALA C 99 19.63 -12.75 31.95
N THR C 100 18.60 -13.40 32.48
CA THR C 100 18.19 -14.79 32.11
C THR C 100 16.66 -14.85 32.11
N LYS C 101 16.04 -14.59 30.96
CA LYS C 101 14.57 -14.46 30.81
C LYS C 101 14.12 -15.09 29.50
N LYS C 102 12.81 -15.35 29.38
CA LYS C 102 12.13 -15.73 28.10
C LYS C 102 12.26 -14.57 27.10
N VAL C 103 12.57 -14.89 25.84
CA VAL C 103 12.72 -13.88 24.74
C VAL C 103 11.48 -13.93 23.84
N ILE C 104 11.12 -12.79 23.25
CA ILE C 104 10.01 -12.65 22.26
C ILE C 104 10.64 -12.34 20.90
N ILE C 105 10.27 -13.11 19.87
CA ILE C 105 10.81 -12.98 18.49
C ILE C 105 9.66 -13.09 17.48
N ALA C 106 9.93 -12.72 16.23
CA ALA C 106 9.01 -12.87 15.08
C ALA C 106 9.47 -14.07 14.24
N CYS C 107 8.56 -15.02 13.99
CA CYS C 107 8.80 -16.23 13.17
C CYS C 107 8.14 -16.04 11.80
N ASP C 108 8.86 -16.40 10.74
CA ASP C 108 8.34 -16.52 9.36
C ASP C 108 8.53 -17.97 8.91
N GLY C 109 7.51 -18.81 9.11
CA GLY C 109 7.62 -20.27 9.02
C GLY C 109 8.38 -20.81 10.21
N LYS C 110 9.45 -21.58 9.97
CA LYS C 110 10.29 -22.18 11.04
C LYS C 110 11.55 -21.34 11.23
N PHE C 111 11.54 -20.09 10.74
CA PHE C 111 12.71 -19.17 10.73
C PHE C 111 12.45 -17.94 11.59
N PRO C 112 13.26 -17.73 12.65
CA PRO C 112 13.31 -16.43 13.33
C PRO C 112 13.82 -15.36 12.37
N VAL C 113 13.21 -14.18 12.37
CA VAL C 113 13.55 -13.08 11.41
C VAL C 113 13.55 -11.73 12.10
N HIS C 114 13.42 -11.68 13.42
CA HIS C 114 13.46 -10.40 14.20
C HIS C 114 13.42 -10.66 15.71
N TYR C 115 14.10 -9.81 16.48
CA TYR C 115 14.12 -9.78 17.96
C TYR C 115 13.24 -8.63 18.46
N ASP C 116 12.32 -8.94 19.39
CA ASP C 116 11.27 -7.99 19.87
C ASP C 116 11.55 -7.58 21.33
N GLY C 117 12.39 -8.34 22.04
CA GLY C 117 12.84 -7.99 23.40
C GLY C 117 12.70 -9.14 24.38
N ILE C 118 12.86 -8.83 25.67
CA ILE C 118 12.84 -9.77 26.83
C ILE C 118 11.56 -9.56 27.63
N THR C 119 10.93 -10.64 28.11
CA THR C 119 9.63 -10.62 28.82
C THR C 119 9.58 -9.45 29.83
N ASN D 4 12.10 -2.26 -2.06
CA ASN D 4 12.36 -3.02 -0.81
C ASN D 4 11.15 -3.93 -0.53
N GLN D 5 11.37 -5.25 -0.52
CA GLN D 5 10.32 -6.29 -0.38
C GLN D 5 9.77 -6.27 1.05
N GLN D 6 10.64 -6.01 2.03
CA GLN D 6 10.30 -6.03 3.48
C GLN D 6 9.34 -4.87 3.80
N TYR D 7 9.57 -3.69 3.23
CA TYR D 7 8.75 -2.47 3.44
C TYR D 7 7.35 -2.68 2.86
N ASN D 8 7.27 -3.27 1.67
CA ASN D 8 5.98 -3.59 0.99
C ASN D 8 5.16 -4.52 1.89
N HIS D 9 5.77 -5.63 2.33
CA HIS D 9 5.16 -6.67 3.18
C HIS D 9 4.58 -6.02 4.46
N PHE D 10 5.35 -5.11 5.08
CA PHE D 10 4.95 -4.38 6.31
C PHE D 10 3.71 -3.53 6.01
N LEU D 11 3.73 -2.82 4.87
CA LEU D 11 2.61 -1.94 4.43
C LEU D 11 1.34 -2.78 4.26
N LYS D 12 1.43 -3.85 3.47
CA LYS D 12 0.27 -4.68 3.04
C LYS D 12 -0.37 -5.33 4.27
N GLN D 13 0.40 -5.52 5.34
CA GLN D 13 -0.01 -6.28 6.56
C GLN D 13 -0.53 -5.32 7.65
N HIS D 14 0.09 -4.15 7.82
CA HIS D 14 -0.07 -3.32 9.05
C HIS D 14 -0.40 -1.85 8.74
N VAL D 15 -0.64 -1.49 7.48
CA VAL D 15 -1.02 -0.10 7.10
C VAL D 15 -2.21 -0.13 6.15
N ASP D 16 -3.37 0.35 6.61
CA ASP D 16 -4.63 0.46 5.84
C ASP D 16 -5.51 1.53 6.49
N GLY D 17 -5.54 2.74 5.91
CA GLY D 17 -6.25 3.90 6.47
C GLY D 17 -7.76 3.75 6.39
N GLU D 18 -8.23 2.75 5.66
CA GLU D 18 -9.67 2.49 5.39
C GLU D 18 -10.17 1.36 6.31
N MET D 19 -9.29 0.79 7.14
CA MET D 19 -9.60 -0.37 8.02
C MET D 19 -10.58 0.06 9.11
N THR D 20 -11.50 -0.83 9.48
CA THR D 20 -12.55 -0.62 10.52
C THR D 20 -12.80 -1.95 11.25
N THR D 21 -13.32 -1.90 12.48
CA THR D 21 -13.55 -3.06 13.37
C THR D 21 -14.45 -4.09 12.67
N LEU D 22 -15.32 -3.65 11.76
CA LEU D 22 -16.38 -4.49 11.14
C LEU D 22 -15.82 -5.29 9.96
N LYS D 23 -14.66 -4.88 9.42
CA LYS D 23 -14.08 -5.43 8.17
C LYS D 23 -12.99 -6.46 8.47
N CYS D 24 -12.98 -7.03 9.68
CA CYS D 24 -11.95 -8.00 10.15
C CYS D 24 -12.03 -9.28 9.31
N LYS D 25 -13.24 -9.72 8.98
CA LYS D 25 -13.50 -10.94 8.16
C LYS D 25 -12.70 -10.86 6.85
N SER D 26 -12.97 -9.82 6.05
CA SER D 26 -12.40 -9.60 4.69
C SER D 26 -10.87 -9.37 4.78
N GLN D 27 -10.45 -8.42 5.61
CA GLN D 27 -9.03 -8.01 5.76
C GLN D 27 -8.17 -9.25 6.06
N MET D 28 -8.53 -10.00 7.10
CA MET D 28 -7.78 -11.21 7.57
C MET D 28 -7.80 -12.28 6.48
N GLU D 29 -8.92 -12.43 5.76
CA GLU D 29 -9.11 -13.43 4.68
C GLU D 29 -7.98 -13.28 3.64
N ILE D 30 -7.50 -12.05 3.44
CA ILE D 30 -6.38 -11.71 2.51
C ILE D 30 -5.08 -12.28 3.09
N LEU D 31 -4.73 -11.90 4.32
CA LEU D 31 -3.46 -12.28 5.01
C LEU D 31 -3.37 -13.81 5.10
N ASN D 32 -4.52 -14.49 5.23
CA ASN D 32 -4.61 -15.97 5.47
C ASN D 32 -4.23 -16.73 4.20
N LEU D 33 -3.79 -16.03 3.15
CA LEU D 33 -3.40 -16.61 1.85
C LEU D 33 -1.89 -16.45 1.64
N ARG D 38 -1.86 -24.31 5.94
CA ARG D 38 -2.86 -23.33 5.45
C ARG D 38 -3.93 -23.12 6.53
N LYS D 39 -3.51 -22.72 7.74
CA LYS D 39 -4.42 -22.46 8.90
C LYS D 39 -4.83 -20.98 8.87
N CYS D 40 -5.54 -20.54 9.92
CA CYS D 40 -5.99 -19.13 10.09
C CYS D 40 -5.16 -18.42 11.17
N LYS D 41 -4.81 -17.16 10.91
CA LYS D 41 -3.95 -16.32 11.78
C LYS D 41 -4.69 -16.01 13.08
N LEU D 42 -3.93 -15.80 14.16
CA LEU D 42 -4.43 -15.64 15.55
C LEU D 42 -4.88 -14.19 15.77
N LYS D 43 -4.04 -13.22 15.39
CA LYS D 43 -4.31 -11.78 15.60
C LYS D 43 -3.36 -10.92 14.76
N ASN D 44 -3.86 -9.78 14.28
CA ASN D 44 -3.11 -8.80 13.45
C ASN D 44 -3.64 -7.40 13.74
N THR D 45 -2.74 -6.41 13.84
CA THR D 45 -3.05 -5.00 14.13
C THR D 45 -2.79 -4.15 12.88
N PHE D 46 -3.75 -3.31 12.51
CA PHE D 46 -3.71 -2.40 11.32
C PHE D 46 -3.61 -0.96 11.80
N ILE D 47 -2.59 -0.23 11.31
CA ILE D 47 -2.39 1.23 11.58
C ILE D 47 -3.20 2.04 10.56
N LEU D 48 -4.08 2.92 11.04
CA LEU D 48 -4.95 3.79 10.18
C LEU D 48 -4.17 5.05 9.81
N ALA D 49 -3.43 5.04 8.70
CA ALA D 49 -2.63 6.18 8.19
C ALA D 49 -2.14 5.91 6.76
N ASN D 50 -1.64 6.96 6.09
CA ASN D 50 -0.94 6.86 4.78
C ASN D 50 0.45 6.30 5.00
N PRO D 51 1.05 5.62 3.99
CA PRO D 51 2.42 5.11 4.12
C PRO D 51 3.38 6.20 4.64
N ASP D 52 3.31 7.40 4.05
CA ASP D 52 4.17 8.58 4.38
C ASP D 52 4.24 8.78 5.90
N GLN D 53 3.08 8.78 6.56
CA GLN D 53 2.92 9.11 8.00
C GLN D 53 3.62 8.05 8.85
N VAL D 54 3.55 6.78 8.45
CA VAL D 54 4.12 5.63 9.21
C VAL D 54 5.63 5.59 8.97
N GLN D 55 6.08 6.00 7.77
CA GLN D 55 7.51 6.03 7.38
C GLN D 55 8.21 7.13 8.17
N ALA D 56 7.48 8.18 8.54
CA ALA D 56 8.00 9.37 9.26
C ALA D 56 8.51 8.96 10.64
N ILE D 57 8.05 7.82 11.15
CA ILE D 57 8.45 7.25 12.47
C ILE D 57 9.93 6.91 12.43
N CYS D 58 10.48 6.69 11.24
CA CYS D 58 11.90 6.26 11.01
C CYS D 58 12.77 7.46 10.62
N THR D 59 12.17 8.63 10.36
CA THR D 59 12.85 9.79 9.72
C THR D 59 12.68 11.05 10.57
N GLY D 60 12.45 10.92 11.88
CA GLY D 60 12.43 12.07 12.82
C GLY D 60 11.26 12.02 13.78
N GLY D 61 10.15 11.35 13.41
CA GLY D 61 8.90 11.31 14.20
C GLY D 61 8.89 10.22 15.24
N GLY D 62 10.03 9.54 15.45
CA GLY D 62 10.14 8.38 16.35
C GLY D 62 11.08 8.62 17.52
N THR D 63 11.25 7.61 18.37
CA THR D 63 12.13 7.63 19.57
C THR D 63 12.79 6.25 19.72
N LEU D 64 14.11 6.17 19.49
CA LEU D 64 14.94 4.94 19.62
C LEU D 64 14.58 4.21 20.92
N LYS D 65 14.45 2.88 20.86
CA LYS D 65 14.08 2.01 22.02
C LYS D 65 15.07 0.84 22.13
N GLY D 66 15.85 0.58 21.06
CA GLY D 66 16.93 -0.43 21.06
C GLY D 66 16.64 -1.58 20.11
N ASN D 67 17.70 -2.26 19.64
CA ASN D 67 17.61 -3.41 18.70
C ASN D 67 16.84 -2.97 17.44
N ASN D 68 17.05 -1.73 17.01
CA ASN D 68 16.46 -1.13 15.78
C ASN D 68 14.95 -0.99 15.94
N LEU D 69 14.45 -1.03 17.17
CA LEU D 69 13.02 -0.76 17.50
C LEU D 69 12.84 0.74 17.78
N VAL D 70 11.76 1.32 17.27
CA VAL D 70 11.46 2.79 17.34
C VAL D 70 10.00 2.96 17.76
N GLN D 71 9.74 3.84 18.74
CA GLN D 71 8.38 4.17 19.20
C GLN D 71 7.96 5.53 18.62
N SER D 72 6.74 5.60 18.06
CA SER D 72 6.15 6.83 17.50
C SER D 72 6.01 7.88 18.60
N ASN D 73 6.36 9.14 18.32
CA ASN D 73 6.25 10.27 19.28
C ASN D 73 4.76 10.59 19.47
N LYS D 74 4.02 10.64 18.37
CA LYS D 74 2.54 10.80 18.32
C LYS D 74 1.90 9.41 18.42
N PRO D 75 0.73 9.28 19.09
CA PRO D 75 -0.03 8.04 19.04
C PRO D 75 -0.83 7.92 17.73
N PHE D 76 -1.10 6.69 17.28
CA PHE D 76 -1.88 6.39 16.06
C PHE D 76 -3.19 5.69 16.45
N SER D 77 -4.18 5.71 15.55
CA SER D 77 -5.44 4.94 15.67
C SER D 77 -5.24 3.58 14.99
N VAL D 78 -5.46 2.50 15.74
CA VAL D 78 -5.20 1.09 15.30
C VAL D 78 -6.49 0.28 15.44
N VAL D 79 -6.68 -0.68 14.53
CA VAL D 79 -7.78 -1.69 14.57
C VAL D 79 -7.13 -3.07 14.77
N ILE D 80 -7.57 -3.82 15.77
CA ILE D 80 -7.02 -5.17 16.11
C ILE D 80 -8.08 -6.22 15.81
N CYS D 81 -7.78 -7.15 14.88
CA CYS D 81 -8.62 -8.31 14.52
C CYS D 81 -8.10 -9.56 15.23
N THR D 82 -8.92 -10.17 16.09
CA THR D 82 -8.54 -11.32 16.96
C THR D 82 -9.42 -12.54 16.64
N HIS D 83 -8.79 -13.71 16.51
CA HIS D 83 -9.41 -15.01 16.11
C HIS D 83 -10.38 -15.51 17.19
N THR D 84 -11.64 -15.76 16.82
CA THR D 84 -12.73 -16.17 17.77
C THR D 84 -13.28 -17.57 17.40
N GLY D 85 -13.04 -18.05 16.17
CA GLY D 85 -13.50 -19.37 15.72
C GLY D 85 -12.92 -19.77 14.36
N GLY D 86 -13.03 -21.06 14.00
CA GLY D 86 -12.58 -21.62 12.71
C GLY D 86 -11.12 -22.05 12.76
N GLU D 87 -10.76 -23.12 12.05
CA GLU D 87 -9.37 -23.64 11.96
C GLU D 87 -8.69 -23.08 10.70
N SER D 88 -9.00 -23.66 9.54
CA SER D 88 -8.43 -23.30 8.22
C SER D 88 -9.44 -22.46 7.43
N HIS D 89 -8.94 -21.52 6.63
CA HIS D 89 -9.76 -20.63 5.76
C HIS D 89 -10.53 -21.48 4.76
N PRO D 90 -11.71 -21.02 4.28
CA PRO D 90 -12.32 -19.77 4.73
C PRO D 90 -13.48 -19.96 5.72
N ASN D 91 -13.24 -20.65 6.84
CA ASN D 91 -14.28 -20.98 7.85
C ASN D 91 -14.00 -20.23 9.16
N CYS D 92 -13.29 -19.12 9.12
CA CYS D 92 -12.72 -18.43 10.30
C CYS D 92 -13.56 -17.20 10.67
N THR D 93 -13.56 -16.86 11.97
CA THR D 93 -14.31 -15.74 12.57
C THR D 93 -13.35 -14.91 13.43
N TYR D 94 -13.34 -13.59 13.25
CA TYR D 94 -12.50 -12.63 14.04
C TYR D 94 -13.39 -11.61 14.75
N LYS D 95 -12.92 -11.08 15.86
CA LYS D 95 -13.54 -9.95 16.60
C LYS D 95 -12.62 -8.72 16.50
N GLY D 96 -13.18 -7.58 16.13
CA GLY D 96 -12.44 -6.31 15.94
C GLY D 96 -12.56 -5.42 17.15
N SER D 97 -11.42 -4.98 17.69
CA SER D 97 -11.32 -3.92 18.73
C SER D 97 -10.50 -2.75 18.17
N SER D 98 -10.66 -1.55 18.76
CA SER D 98 -10.06 -0.28 18.26
C SER D 98 -9.49 0.54 19.44
N ALA D 99 -8.19 0.85 19.39
CA ALA D 99 -7.46 1.65 20.39
C ALA D 99 -6.79 2.85 19.70
N THR D 100 -6.17 3.74 20.47
CA THR D 100 -5.40 4.92 19.99
C THR D 100 -4.16 5.09 20.88
N LYS D 101 -3.03 4.50 20.49
CA LYS D 101 -1.78 4.45 21.30
C LYS D 101 -0.57 4.63 20.39
N LYS D 102 0.59 4.95 20.98
CA LYS D 102 1.91 4.95 20.30
C LYS D 102 2.22 3.51 19.85
N VAL D 103 2.76 3.34 18.64
CA VAL D 103 3.15 2.02 18.07
C VAL D 103 4.67 1.89 18.10
N ILE D 104 5.17 0.66 18.27
CA ILE D 104 6.62 0.31 18.22
C ILE D 104 6.86 -0.52 16.97
N ILE D 105 7.84 -0.12 16.15
CA ILE D 105 8.17 -0.74 14.84
C ILE D 105 9.70 -0.84 14.73
N ALA D 106 10.19 -1.63 13.78
CA ALA D 106 11.62 -1.77 13.44
C ALA D 106 11.91 -1.00 12.16
N CYS D 107 12.89 -0.10 12.20
CA CYS D 107 13.34 0.70 11.03
C CYS D 107 14.64 0.13 10.49
N ASP D 108 14.74 -0.01 9.16
CA ASP D 108 15.99 -0.33 8.44
C ASP D 108 16.28 0.84 7.51
N GLY D 109 17.09 1.79 7.97
CA GLY D 109 17.22 3.13 7.35
C GLY D 109 15.96 3.94 7.56
N LYS D 110 15.36 4.44 6.48
CA LYS D 110 14.13 5.27 6.52
C LYS D 110 12.91 4.40 6.20
N PHE D 111 13.05 3.07 6.31
CA PHE D 111 12.01 2.08 5.92
C PHE D 111 11.56 1.27 7.13
N PRO D 112 10.27 1.35 7.50
CA PRO D 112 9.67 0.39 8.44
C PRO D 112 9.69 -1.01 7.82
N VAL D 113 10.02 -2.04 8.61
CA VAL D 113 10.18 -3.44 8.10
C VAL D 113 9.62 -4.45 9.11
N HIS D 114 8.87 -4.00 10.12
CA HIS D 114 8.28 -4.89 11.16
C HIS D 114 7.43 -4.10 12.16
N TYR D 115 6.35 -4.73 12.65
CA TYR D 115 5.46 -4.23 13.73
C TYR D 115 5.71 -5.05 14.99
N ASP D 116 5.95 -4.40 16.13
CA ASP D 116 6.36 -5.03 17.41
C ASP D 116 5.22 -4.97 18.44
N GLY D 117 4.26 -4.04 18.28
CA GLY D 117 3.11 -3.90 19.17
C GLY D 117 2.83 -2.44 19.52
N ILE D 118 1.93 -2.17 20.47
CA ILE D 118 1.47 -0.79 20.86
C ILE D 118 2.06 -0.42 22.22
#